data_7FGL
#
_entry.id   7FGL
#
_cell.length_a   59.980
_cell.length_b   70.720
_cell.length_c   118.030
_cell.angle_alpha   90.00
_cell.angle_beta   90.00
_cell.angle_gamma   90.00
#
_symmetry.space_group_name_H-M   'P 21 21 21'
#
loop_
_entity.id
_entity.type
_entity.pdbx_description
1 polymer 'Fab Heavy Chain'
2 polymer 'Fab Light Chain'
3 polymer VQIVYK
4 non-polymer GLYCEROL
5 non-polymer 'AMMONIUM ION'
6 water water
#
loop_
_entity_poly.entity_id
_entity_poly.type
_entity_poly.pdbx_seq_one_letter_code
_entity_poly.pdbx_strand_id
1 'polypeptide(L)'
;QVQLQQSGAALVRPGTSVKVSCRASEYAFTNYVIEWVKQRPGQGLEWIGVINPGSGGTNYNEKFKGKATLIADKSSSTAY
MQLSSLTSDDSAVYFCARSTYYSGALDYWGQGTSVTVSSAKTTAPSVYPLAPVCGDTTGSSVTLGCLVKGYFPEPVTLTW
NSGSLSSGVHTFPAVLQSDLYTLSSSVTVTSSTWPSQSITCNVAHPASSTKVDKKIEPR
;
H
2 'polypeptide(L)'
;QLVLTQSSSASFSLGASAKLTCTLSSQHSTYTIEWYQQQPLKPPKYVMELKKDGSHSTGDGIPDRFSGSSSGADRYLSIS
NIQPEDEAIYICGVGDTIKEQFVYVFGGGTKVTVLGQPKSTPTLTVFPPSSEELKENKATLVCLISNFSPSGVTVAWKAN
GTPITQGVDTSNPTKEGNKFMASSFLHLTSDQWRSHNSFTCQVTHEGDTVEKSLSPAEC
;
L
3 'polypeptide(L)' VQIVYK C
#
loop_
_chem_comp.id
_chem_comp.type
_chem_comp.name
_chem_comp.formula
GOL non-polymer GLYCEROL 'C3 H8 O3'
NH4 non-polymer 'AMMONIUM ION' 'H4 N 1'
#
# COMPACT_ATOMS: atom_id res chain seq x y z
N GLN A 1 4.66 20.20 16.61
CA GLN A 1 4.35 19.36 15.41
C GLN A 1 3.13 19.96 14.65
N VAL A 2 3.35 20.36 13.39
CA VAL A 2 2.23 20.72 12.47
C VAL A 2 1.53 19.40 12.11
N GLN A 3 0.21 19.38 12.19
CA GLN A 3 -0.55 18.15 11.90
C GLN A 3 -1.83 18.50 11.17
N LEU A 4 -2.20 17.66 10.20
CA LEU A 4 -3.54 17.65 9.57
C LEU A 4 -4.10 16.24 9.78
N GLN A 5 -5.29 16.13 10.38
CA GLN A 5 -5.94 14.82 10.67
C GLN A 5 -7.21 14.72 9.84
N GLN A 6 -7.28 13.72 8.98
CA GLN A 6 -8.44 13.51 8.07
C GLN A 6 -9.37 12.46 8.70
N SER A 7 -10.64 12.48 8.32
CA SER A 7 -11.67 11.47 8.68
C SER A 7 -11.19 10.09 8.21
N GLY A 8 -11.84 9.03 8.68
CA GLY A 8 -11.41 7.63 8.51
C GLY A 8 -11.84 7.05 7.18
N ALA A 9 -11.25 5.90 6.82
CA ALA A 9 -11.66 4.98 5.74
C ALA A 9 -13.19 4.99 5.56
N ALA A 10 -13.65 5.04 4.32
CA ALA A 10 -15.07 5.11 3.94
C ALA A 10 -15.35 4.12 2.81
N LEU A 11 -16.37 3.28 3.00
CA LEU A 11 -16.81 2.29 2.00
C LEU A 11 -18.25 2.69 1.66
N VAL A 12 -18.47 3.23 0.47
CA VAL A 12 -19.80 3.79 0.06
C VAL A 12 -20.17 3.19 -1.30
N ARG A 13 -21.43 3.35 -1.67
CA ARG A 13 -22.02 2.72 -2.87
C ARG A 13 -21.95 3.71 -4.02
N PRO A 14 -21.77 3.22 -5.27
CA PRO A 14 -21.89 4.06 -6.45
C PRO A 14 -23.15 4.94 -6.44
N GLY A 15 -23.01 6.18 -6.92
CA GLY A 15 -24.11 7.17 -7.07
C GLY A 15 -24.22 8.05 -5.85
N THR A 16 -23.43 7.77 -4.80
CA THR A 16 -23.52 8.47 -3.49
C THR A 16 -22.51 9.62 -3.42
N SER A 17 -22.61 10.45 -2.38
CA SER A 17 -21.65 11.52 -2.01
C SER A 17 -20.82 11.04 -0.82
N VAL A 18 -19.61 11.59 -0.67
CA VAL A 18 -18.76 11.31 0.53
C VAL A 18 -18.22 12.68 1.00
N LYS A 19 -17.93 12.81 2.30
CA LYS A 19 -17.37 14.07 2.85
C LYS A 19 -16.15 13.76 3.71
N VAL A 20 -14.96 14.01 3.18
CA VAL A 20 -13.69 13.80 3.95
C VAL A 20 -13.34 15.10 4.69
N SER A 21 -12.92 15.00 5.95
CA SER A 21 -12.58 16.16 6.81
C SER A 21 -11.05 16.22 6.95
N CYS A 22 -10.53 17.45 7.10
CA CYS A 22 -9.09 17.77 7.25
C CYS A 22 -8.96 18.82 8.36
N ARG A 23 -8.65 18.37 9.59
CA ARG A 23 -8.55 19.24 10.80
C ARG A 23 -7.08 19.63 11.01
N ALA A 24 -6.80 20.92 10.92
CA ALA A 24 -5.46 21.53 11.15
C ALA A 24 -5.24 21.75 12.65
N SER A 25 -4.01 21.57 13.15
CA SER A 25 -3.61 21.93 14.53
C SER A 25 -2.13 22.36 14.59
N GLU A 26 -1.79 23.24 15.54
CA GLU A 26 -0.40 23.68 15.86
C GLU A 26 0.16 24.57 14.74
N TYR A 27 -0.69 25.30 14.03
CA TYR A 27 -0.27 26.33 13.04
C TYR A 27 -1.47 27.23 12.72
N ALA A 28 -1.21 28.43 12.20
CA ALA A 28 -2.23 29.47 11.95
C ALA A 28 -3.03 29.15 10.68
N PHE A 29 -4.26 28.63 10.85
CA PHE A 29 -5.07 27.99 9.79
C PHE A 29 -5.17 28.92 8.59
N THR A 30 -5.35 30.22 8.83
CA THR A 30 -5.74 31.21 7.81
C THR A 30 -4.52 32.00 7.34
N ASN A 31 -3.31 31.48 7.65
CA ASN A 31 -2.03 32.04 7.14
C ASN A 31 -1.51 31.15 6.01
N TYR A 32 -2.20 30.02 5.77
CA TYR A 32 -1.88 28.98 4.77
C TYR A 32 -3.19 28.57 4.08
N VAL A 33 -3.06 27.67 3.10
CA VAL A 33 -4.20 27.15 2.30
C VAL A 33 -4.23 25.65 2.55
N ILE A 34 -5.31 25.00 2.09
CA ILE A 34 -5.41 23.51 2.06
C ILE A 34 -5.63 23.08 0.60
N GLU A 35 -4.83 22.11 0.17
CA GLU A 35 -4.90 21.47 -1.16
C GLU A 35 -5.24 20.00 -0.96
N TRP A 36 -5.95 19.47 -1.96
CA TRP A 36 -6.39 18.06 -1.93
C TRP A 36 -5.76 17.32 -3.11
N VAL A 37 -5.28 16.12 -2.87
CA VAL A 37 -4.56 15.26 -3.83
C VAL A 37 -5.25 13.89 -3.86
N LYS A 38 -5.61 13.43 -5.06
CA LYS A 38 -6.12 12.04 -5.27
C LYS A 38 -4.95 11.12 -5.58
N GLN A 39 -5.04 9.88 -5.10
CA GLN A 39 -4.14 8.77 -5.49
C GLN A 39 -4.95 7.47 -5.61
N ARG A 40 -5.16 7.04 -6.86
CA ARG A 40 -5.76 5.72 -7.16
C ARG A 40 -4.72 4.72 -6.68
N PRO A 41 -5.06 3.44 -6.43
CA PRO A 41 -4.12 2.50 -5.80
C PRO A 41 -2.74 2.19 -6.38
N GLY A 42 -2.60 1.97 -7.67
CA GLY A 42 -1.22 1.75 -8.16
C GLY A 42 -0.67 2.95 -8.89
N GLN A 43 -1.34 4.10 -8.84
CA GLN A 43 -0.98 5.25 -9.70
C GLN A 43 -0.23 6.41 -9.03
N GLY A 44 0.13 7.42 -9.84
CA GLY A 44 0.84 8.61 -9.34
C GLY A 44 -0.12 9.57 -8.67
N LEU A 45 0.39 10.70 -8.20
CA LEU A 45 -0.44 11.73 -7.51
C LEU A 45 -1.20 12.51 -8.57
N GLU A 46 -2.42 12.90 -8.25
CA GLU A 46 -3.28 13.75 -9.08
C GLU A 46 -3.78 14.91 -8.21
N TRP A 47 -3.62 16.14 -8.65
CA TRP A 47 -4.05 17.35 -7.92
C TRP A 47 -5.52 17.66 -8.21
N ILE A 48 -6.28 17.99 -7.18
CA ILE A 48 -7.75 18.21 -7.33
C ILE A 48 -8.07 19.69 -7.22
N GLY A 49 -7.54 20.34 -6.20
CA GLY A 49 -7.85 21.74 -5.96
C GLY A 49 -7.25 22.30 -4.70
N VAL A 50 -7.63 23.53 -4.38
CA VAL A 50 -7.12 24.23 -3.17
C VAL A 50 -8.21 25.14 -2.63
N ILE A 51 -8.33 25.24 -1.31
CA ILE A 51 -9.25 26.17 -0.63
C ILE A 51 -8.36 27.15 0.14
N ASN A 52 -8.62 28.44 0.03
CA ASN A 52 -8.02 29.49 0.90
C ASN A 52 -8.97 29.72 2.06
N PRO A 53 -8.74 29.10 3.24
CA PRO A 53 -9.61 29.29 4.40
C PRO A 53 -9.93 30.74 4.77
N GLY A 54 -8.94 31.64 4.69
CA GLY A 54 -9.07 33.06 5.04
C GLY A 54 -9.96 33.84 4.08
N SER A 55 -10.00 33.44 2.79
CA SER A 55 -10.78 34.10 1.71
C SER A 55 -11.99 33.24 1.31
N GLY A 56 -11.89 31.92 1.45
CA GLY A 56 -12.95 31.02 0.95
C GLY A 56 -12.80 30.81 -0.53
N GLY A 57 -11.70 31.29 -1.10
CA GLY A 57 -11.40 31.13 -2.54
C GLY A 57 -11.00 29.71 -2.88
N THR A 58 -11.46 29.22 -4.03
CA THR A 58 -11.16 27.84 -4.46
C THR A 58 -10.49 27.83 -5.83
N ASN A 59 -9.57 26.91 -6.08
CA ASN A 59 -8.97 26.72 -7.42
C ASN A 59 -9.02 25.22 -7.66
N TYR A 60 -9.41 24.78 -8.84
CA TYR A 60 -9.56 23.32 -9.05
C TYR A 60 -8.95 22.83 -10.35
N ASN A 61 -8.46 21.60 -10.35
CA ASN A 61 -8.07 20.95 -11.61
C ASN A 61 -9.38 20.83 -12.39
N GLU A 62 -9.37 21.06 -13.69
CA GLU A 62 -10.62 21.10 -14.49
C GLU A 62 -11.31 19.74 -14.42
N LYS A 63 -10.54 18.68 -14.36
CA LYS A 63 -11.10 17.30 -14.37
C LYS A 63 -12.08 17.08 -13.22
N PHE A 64 -11.86 17.70 -12.07
CA PHE A 64 -12.71 17.45 -10.87
C PHE A 64 -13.76 18.55 -10.68
N LYS A 65 -13.92 19.45 -11.64
CA LYS A 65 -14.85 20.58 -11.42
C LYS A 65 -16.27 20.10 -11.16
N GLY A 66 -16.74 19.05 -11.82
CA GLY A 66 -18.08 18.58 -11.45
C GLY A 66 -18.08 17.55 -10.34
N LYS A 67 -16.91 17.18 -9.84
CA LYS A 67 -16.82 16.04 -8.89
C LYS A 67 -16.54 16.48 -7.46
N ALA A 68 -15.58 17.39 -7.24
CA ALA A 68 -15.17 17.75 -5.87
C ALA A 68 -15.63 19.15 -5.46
N THR A 69 -16.16 19.28 -4.25
CA THR A 69 -16.54 20.61 -3.70
C THR A 69 -15.70 20.83 -2.45
N LEU A 70 -14.94 21.92 -2.42
CA LEU A 70 -14.02 22.19 -1.28
C LEU A 70 -14.60 23.31 -0.41
N ILE A 71 -14.62 23.09 0.91
CA ILE A 71 -15.06 24.14 1.86
C ILE A 71 -14.15 24.10 3.10
N ALA A 72 -14.04 25.20 3.84
CA ALA A 72 -13.23 25.26 5.07
C ALA A 72 -14.04 25.97 6.15
N ASP A 73 -13.91 25.52 7.39
CA ASP A 73 -14.52 26.21 8.55
C ASP A 73 -13.39 26.75 9.43
N LYS A 74 -13.26 28.08 9.47
CA LYS A 74 -12.28 28.82 10.30
C LYS A 74 -12.51 28.50 11.79
N SER A 75 -13.75 28.60 12.28
CA SER A 75 -14.07 28.48 13.73
C SER A 75 -13.67 27.08 14.22
N SER A 76 -13.82 26.04 13.39
CA SER A 76 -13.38 24.64 13.69
C SER A 76 -11.97 24.35 13.15
N SER A 77 -11.32 25.28 12.45
CA SER A 77 -9.99 25.10 11.80
C SER A 77 -9.98 23.84 10.91
N THR A 78 -11.12 23.52 10.27
CA THR A 78 -11.30 22.25 9.52
C THR A 78 -11.69 22.52 8.06
N ALA A 79 -11.06 21.77 7.14
CA ALA A 79 -11.30 21.78 5.68
C ALA A 79 -12.00 20.49 5.23
N TYR A 80 -12.98 20.64 4.34
CA TYR A 80 -13.77 19.50 3.84
C TYR A 80 -13.80 19.42 2.31
N MET A 81 -13.76 18.21 1.76
CA MET A 81 -13.87 17.96 0.30
C MET A 81 -15.06 17.01 0.09
N GLN A 82 -16.09 17.49 -0.61
CA GLN A 82 -17.28 16.65 -0.89
C GLN A 82 -17.14 16.00 -2.26
N LEU A 83 -17.15 14.67 -2.32
CA LEU A 83 -17.15 13.97 -3.62
C LEU A 83 -18.59 13.55 -3.94
N SER A 84 -19.10 13.89 -5.12
CA SER A 84 -20.50 13.61 -5.55
C SER A 84 -20.49 12.53 -6.63
N SER A 85 -21.66 11.95 -6.96
CA SER A 85 -21.94 11.05 -8.10
C SER A 85 -20.89 9.93 -8.21
N LEU A 86 -20.45 9.37 -7.07
CA LEU A 86 -19.30 8.45 -6.95
C LEU A 86 -19.42 7.35 -8.01
N THR A 87 -18.41 7.22 -8.88
CA THR A 87 -18.20 5.99 -9.70
C THR A 87 -17.03 5.23 -9.09
N SER A 88 -16.66 4.09 -9.69
CA SER A 88 -15.53 3.24 -9.24
C SER A 88 -14.21 3.92 -9.61
N ASP A 89 -14.26 4.94 -10.49
CA ASP A 89 -13.10 5.80 -10.82
C ASP A 89 -12.71 6.59 -9.56
N ASP A 90 -13.71 7.02 -8.79
CA ASP A 90 -13.55 7.89 -7.58
C ASP A 90 -12.92 7.11 -6.42
N SER A 91 -12.73 5.79 -6.56
CA SER A 91 -12.10 4.92 -5.51
C SER A 91 -10.60 5.25 -5.45
N ALA A 92 -10.14 5.90 -4.37
CA ALA A 92 -8.72 6.29 -4.19
C ALA A 92 -8.40 6.57 -2.70
N VAL A 93 -7.12 6.85 -2.42
CA VAL A 93 -6.66 7.57 -1.20
C VAL A 93 -6.67 9.09 -1.48
N TYR A 94 -7.46 9.83 -0.72
CA TYR A 94 -7.54 11.31 -0.78
C TYR A 94 -6.70 11.90 0.35
N PHE A 95 -5.73 12.73 -0.02
CA PHE A 95 -4.84 13.48 0.90
C PHE A 95 -5.30 14.92 0.98
N CYS A 96 -5.14 15.51 2.16
CA CYS A 96 -5.16 16.96 2.35
C CYS A 96 -3.70 17.36 2.60
N ALA A 97 -3.34 18.62 2.34
CA ALA A 97 -1.97 19.10 2.58
C ALA A 97 -2.00 20.63 2.70
N ARG A 98 -1.08 21.15 3.53
CA ARG A 98 -0.85 22.60 3.74
C ARG A 98 0.05 23.09 2.60
N SER A 99 -0.20 24.31 2.13
CA SER A 99 0.66 25.04 1.19
C SER A 99 0.57 26.51 1.60
N THR A 100 1.40 27.37 1.02
CA THR A 100 1.36 28.82 1.26
C THR A 100 0.56 29.45 0.13
N TYR A 101 0.13 30.69 0.31
CA TYR A 101 -0.66 31.46 -0.69
C TYR A 101 0.14 31.60 -2.00
N TYR A 102 1.47 31.62 -1.89
CA TYR A 102 2.39 32.26 -2.87
C TYR A 102 3.53 31.33 -3.29
N SER A 103 3.58 30.09 -2.83
CA SER A 103 4.57 29.07 -3.26
C SER A 103 3.86 27.71 -3.44
N GLY A 104 4.50 26.78 -4.16
CA GLY A 104 3.87 25.53 -4.62
C GLY A 104 3.98 24.40 -3.60
N ALA A 105 4.96 24.46 -2.70
CA ALA A 105 5.32 23.38 -1.74
C ALA A 105 4.09 22.98 -0.95
N LEU A 106 3.68 21.72 -1.08
CA LEU A 106 2.73 21.08 -0.12
C LEU A 106 3.60 20.57 1.03
N ASP A 107 3.74 21.37 2.09
CA ASP A 107 4.88 21.21 3.02
C ASP A 107 4.51 20.18 4.08
N TYR A 108 3.25 20.13 4.48
CA TYR A 108 2.71 19.14 5.44
C TYR A 108 1.42 18.52 4.85
N TRP A 109 1.32 17.21 5.00
CA TRP A 109 0.29 16.33 4.38
C TRP A 109 -0.54 15.63 5.46
N GLY A 110 -1.86 15.55 5.30
CA GLY A 110 -2.72 14.69 6.12
C GLY A 110 -2.30 13.23 6.00
N GLN A 111 -2.94 12.36 6.80
CA GLN A 111 -2.62 10.91 6.86
C GLN A 111 -3.24 10.24 5.61
N GLY A 112 -4.37 10.77 5.12
CA GLY A 112 -5.11 10.25 3.95
C GLY A 112 -6.42 9.60 4.36
N THR A 113 -7.36 9.50 3.43
CA THR A 113 -8.67 8.84 3.62
C THR A 113 -8.91 7.94 2.41
N SER A 114 -8.84 6.61 2.60
CA SER A 114 -9.24 5.57 1.61
C SER A 114 -10.74 5.69 1.35
N VAL A 115 -11.13 6.19 0.18
CA VAL A 115 -12.56 6.16 -0.24
C VAL A 115 -12.73 5.01 -1.23
N THR A 116 -13.61 4.06 -0.89
CA THR A 116 -13.96 2.87 -1.70
C THR A 116 -15.43 2.97 -2.12
N VAL A 117 -15.62 3.05 -3.44
CA VAL A 117 -16.92 3.01 -4.14
C VAL A 117 -17.06 1.58 -4.66
N SER A 118 -17.88 0.78 -3.99
CA SER A 118 -18.05 -0.69 -4.18
C SER A 118 -19.52 -1.09 -4.03
N SER A 119 -19.91 -2.18 -4.70
CA SER A 119 -21.27 -2.77 -4.67
C SER A 119 -21.26 -4.08 -3.88
N ALA A 120 -20.10 -4.53 -3.41
CA ALA A 120 -19.92 -5.83 -2.74
C ALA A 120 -20.85 -5.94 -1.53
N LYS A 121 -21.41 -7.13 -1.31
CA LYS A 121 -22.35 -7.40 -0.20
C LYS A 121 -21.65 -8.10 0.95
N THR A 122 -22.15 -7.90 2.17
CA THR A 122 -21.63 -8.44 3.44
C THR A 122 -21.72 -9.97 3.37
N THR A 123 -20.57 -10.62 3.57
CA THR A 123 -20.36 -12.09 3.42
C THR A 123 -19.51 -12.60 4.60
N ALA A 124 -20.06 -13.55 5.37
CA ALA A 124 -19.36 -14.28 6.44
C ALA A 124 -18.30 -15.13 5.76
N PRO A 125 -17.11 -15.28 6.37
CA PRO A 125 -16.08 -16.15 5.81
C PRO A 125 -16.39 -17.65 5.98
N SER A 126 -16.00 -18.48 5.01
CA SER A 126 -15.69 -19.91 5.20
C SER A 126 -14.31 -20.04 5.88
N VAL A 127 -14.24 -20.74 7.00
CA VAL A 127 -12.97 -20.97 7.72
C VAL A 127 -12.58 -22.44 7.52
N TYR A 128 -11.33 -22.69 7.15
CA TYR A 128 -10.77 -24.05 7.01
C TYR A 128 -9.58 -24.19 7.94
N PRO A 129 -9.45 -25.37 8.56
CA PRO A 129 -8.24 -25.71 9.30
C PRO A 129 -7.16 -26.11 8.27
N LEU A 130 -5.93 -25.65 8.47
CA LEU A 130 -4.74 -26.03 7.64
C LEU A 130 -3.77 -26.83 8.51
N ALA A 131 -3.70 -28.11 8.22
CA ALA A 131 -2.73 -29.05 8.80
C ALA A 131 -1.69 -29.30 7.72
N PRO A 132 -0.44 -29.53 8.11
CA PRO A 132 0.61 -29.81 7.12
C PRO A 132 0.35 -31.14 6.38
N VAL A 133 0.80 -31.24 5.12
CA VAL A 133 0.87 -32.56 4.44
C VAL A 133 1.92 -33.38 5.23
N CYS A 134 1.91 -34.70 5.11
CA CYS A 134 2.65 -35.62 6.02
C CYS A 134 4.16 -35.33 5.99
N GLY A 135 4.71 -34.86 4.87
CA GLY A 135 6.12 -34.44 4.75
C GLY A 135 6.48 -33.32 5.71
N ASP A 136 5.52 -32.53 6.20
CA ASP A 136 5.82 -31.33 7.01
C ASP A 136 5.57 -31.59 8.50
N THR A 137 5.42 -32.85 8.92
CA THR A 137 5.10 -33.23 10.33
C THR A 137 6.32 -33.86 11.05
N THR A 138 7.46 -34.02 10.37
CA THR A 138 8.65 -34.75 10.91
C THR A 138 9.72 -33.78 11.45
N GLY A 139 9.37 -32.50 11.70
CA GLY A 139 10.28 -31.46 12.24
C GLY A 139 10.25 -31.34 13.76
N SER A 140 11.18 -30.61 14.37
CA SER A 140 11.16 -30.29 15.83
C SER A 140 10.03 -29.29 16.15
N SER A 141 9.67 -28.45 15.19
CA SER A 141 8.49 -27.56 15.25
C SER A 141 7.47 -28.02 14.23
N VAL A 142 6.22 -27.60 14.42
CA VAL A 142 5.11 -27.87 13.47
C VAL A 142 4.29 -26.59 13.35
N THR A 143 3.88 -26.27 12.13
CA THR A 143 3.17 -25.02 11.79
C THR A 143 1.78 -25.42 11.30
N LEU A 144 0.75 -24.88 11.94
CA LEU A 144 -0.66 -25.10 11.58
C LEU A 144 -1.21 -23.79 11.04
N GLY A 145 -2.34 -23.87 10.36
CA GLY A 145 -2.92 -22.70 9.68
C GLY A 145 -4.42 -22.68 9.77
N CYS A 146 -4.93 -21.53 9.36
CA CYS A 146 -6.35 -21.18 9.26
C CYS A 146 -6.50 -20.35 7.97
N LEU A 147 -7.35 -20.79 7.07
CA LEU A 147 -7.75 -20.06 5.86
C LEU A 147 -9.13 -19.44 6.12
N VAL A 148 -9.23 -18.13 5.96
CA VAL A 148 -10.50 -17.37 6.12
C VAL A 148 -10.84 -16.88 4.72
N LYS A 149 -11.69 -17.62 3.99
CA LYS A 149 -11.97 -17.42 2.55
C LYS A 149 -13.32 -16.72 2.34
N GLY A 150 -13.31 -15.65 1.55
CA GLY A 150 -14.48 -15.06 0.88
C GLY A 150 -15.35 -14.27 1.83
N TYR A 151 -14.77 -13.29 2.52
CA TYR A 151 -15.51 -12.47 3.51
C TYR A 151 -15.54 -11.04 2.99
N PHE A 152 -16.50 -10.26 3.50
CA PHE A 152 -16.66 -8.82 3.18
C PHE A 152 -17.58 -8.16 4.19
N PRO A 153 -17.30 -6.91 4.61
CA PRO A 153 -16.03 -6.24 4.36
C PRO A 153 -14.98 -6.67 5.39
N GLU A 154 -13.84 -5.97 5.44
CA GLU A 154 -12.86 -6.02 6.54
C GLU A 154 -13.54 -5.48 7.80
N PRO A 155 -13.07 -5.81 9.03
CA PRO A 155 -12.04 -6.81 9.24
C PRO A 155 -12.57 -8.18 9.68
N VAL A 156 -11.65 -9.10 9.97
CA VAL A 156 -11.89 -10.30 10.83
C VAL A 156 -10.88 -10.23 11.97
N THR A 157 -11.22 -10.72 13.16
CA THR A 157 -10.24 -10.96 14.24
C THR A 157 -9.90 -12.46 14.25
N LEU A 158 -8.62 -12.80 14.31
CA LEU A 158 -8.16 -14.20 14.43
C LEU A 158 -7.24 -14.32 15.65
N THR A 159 -7.55 -15.26 16.54
CA THR A 159 -6.74 -15.69 17.70
C THR A 159 -6.55 -17.20 17.61
N TRP A 160 -5.64 -17.73 18.42
CA TRP A 160 -5.33 -19.18 18.55
C TRP A 160 -5.55 -19.59 20.01
N ASN A 161 -6.31 -20.64 20.23
CA ASN A 161 -6.69 -21.10 21.58
C ASN A 161 -7.09 -19.85 22.40
N SER A 162 -7.98 -19.03 21.82
CA SER A 162 -8.64 -17.88 22.48
C SER A 162 -7.58 -16.92 23.03
N GLY A 163 -6.40 -16.89 22.39
CA GLY A 163 -5.35 -15.92 22.71
C GLY A 163 -4.27 -16.54 23.56
N SER A 164 -4.44 -17.77 24.04
CA SER A 164 -3.42 -18.45 24.89
C SER A 164 -2.20 -18.85 24.04
N LEU A 165 -2.36 -18.92 22.71
CA LEU A 165 -1.26 -19.04 21.71
C LEU A 165 -1.02 -17.67 21.06
N SER A 166 0.07 -17.01 21.44
CA SER A 166 0.36 -15.59 21.11
C SER A 166 1.69 -15.47 20.35
N SER A 167 2.75 -16.13 20.80
CA SER A 167 4.06 -16.13 20.08
C SER A 167 4.07 -17.26 19.04
N GLY A 168 4.86 -17.10 17.98
CA GLY A 168 4.90 -18.03 16.84
C GLY A 168 3.64 -17.99 16.00
N VAL A 169 2.78 -16.98 16.21
CA VAL A 169 1.61 -16.67 15.34
C VAL A 169 2.02 -15.61 14.30
N HIS A 170 1.69 -15.85 13.03
CA HIS A 170 1.82 -14.90 11.92
C HIS A 170 0.49 -14.80 11.19
N THR A 171 -0.18 -13.67 11.34
CA THR A 171 -1.49 -13.41 10.71
C THR A 171 -1.29 -12.44 9.56
N PHE A 172 -1.59 -12.88 8.34
CA PHE A 172 -1.28 -12.17 7.08
C PHE A 172 -2.46 -11.27 6.73
N PRO A 173 -2.22 -9.99 6.35
CA PRO A 173 -3.29 -9.15 5.80
C PRO A 173 -3.96 -9.79 4.58
N ALA A 174 -5.23 -9.45 4.36
CA ALA A 174 -6.10 -10.09 3.34
C ALA A 174 -5.65 -9.69 1.93
N VAL A 175 -5.82 -10.60 0.96
CA VAL A 175 -5.86 -10.29 -0.50
C VAL A 175 -7.34 -10.10 -0.88
N LEU A 176 -7.59 -9.31 -1.92
CA LEU A 176 -8.95 -9.01 -2.44
C LEU A 176 -9.09 -9.64 -3.83
N GLN A 177 -9.89 -10.69 -4.00
CA GLN A 177 -10.27 -11.16 -5.35
C GLN A 177 -11.78 -11.03 -5.56
N SER A 178 -12.19 -10.12 -6.44
CA SER A 178 -13.59 -10.00 -6.94
C SER A 178 -14.50 -9.71 -5.77
N ASP A 179 -14.15 -8.67 -5.03
CA ASP A 179 -14.96 -8.09 -3.93
C ASP A 179 -15.12 -9.09 -2.79
N LEU A 180 -14.29 -10.14 -2.73
CA LEU A 180 -14.19 -10.97 -1.50
C LEU A 180 -12.73 -10.98 -0.98
N TYR A 181 -12.57 -10.86 0.34
CA TYR A 181 -11.27 -10.94 1.04
C TYR A 181 -10.98 -12.40 1.39
N THR A 182 -9.72 -12.79 1.30
CA THR A 182 -9.19 -14.08 1.84
C THR A 182 -7.99 -13.76 2.73
N LEU A 183 -7.83 -14.41 3.88
CA LEU A 183 -6.54 -14.33 4.60
C LEU A 183 -6.21 -15.66 5.28
N SER A 184 -4.96 -15.77 5.70
CA SER A 184 -4.49 -16.98 6.43
C SER A 184 -3.64 -16.53 7.60
N SER A 185 -3.70 -17.32 8.68
CA SER A 185 -2.84 -17.21 9.88
C SER A 185 -2.18 -18.56 10.14
N SER A 186 -0.91 -18.52 10.56
CA SER A 186 -0.10 -19.70 10.93
C SER A 186 0.28 -19.58 12.41
N VAL A 187 0.40 -20.70 13.08
CA VAL A 187 0.97 -20.76 14.44
C VAL A 187 1.98 -21.91 14.44
N THR A 188 3.15 -21.64 14.99
CA THR A 188 4.27 -22.60 15.08
C THR A 188 4.41 -23.01 16.54
N VAL A 189 4.34 -24.31 16.78
CA VAL A 189 4.50 -24.91 18.12
C VAL A 189 5.55 -26.02 18.01
N THR A 190 6.12 -26.42 19.15
CA THR A 190 7.01 -27.60 19.21
C THR A 190 6.18 -28.81 18.82
N SER A 191 6.77 -29.74 18.05
CA SER A 191 6.08 -30.96 17.55
C SER A 191 5.51 -31.77 18.73
N SER A 192 6.06 -31.62 19.93
CA SER A 192 5.59 -32.31 21.14
C SER A 192 4.26 -31.71 21.63
N THR A 193 3.89 -30.50 21.17
CA THR A 193 2.65 -29.77 21.58
C THR A 193 1.44 -30.27 20.81
N TRP A 194 1.60 -30.57 19.51
CA TRP A 194 0.49 -30.87 18.58
C TRP A 194 0.86 -32.10 17.78
N PRO A 195 -0.07 -33.06 17.56
CA PRO A 195 -1.47 -32.92 17.96
C PRO A 195 -1.86 -33.33 19.40
N SER A 196 -0.89 -33.70 20.24
CA SER A 196 -1.15 -34.18 21.62
C SER A 196 -2.06 -33.18 22.35
N GLN A 197 -1.79 -31.89 22.22
CA GLN A 197 -2.65 -30.82 22.77
C GLN A 197 -3.46 -30.17 21.64
N SER A 198 -4.63 -29.65 21.97
CA SER A 198 -5.65 -29.08 21.05
C SER A 198 -5.25 -27.68 20.57
N ILE A 199 -5.39 -27.45 19.26
CA ILE A 199 -5.14 -26.12 18.67
C ILE A 199 -6.33 -25.78 17.77
N THR A 200 -6.90 -24.61 18.02
CA THR A 200 -8.14 -24.10 17.38
C THR A 200 -7.89 -22.65 16.98
N CYS A 201 -8.28 -22.24 15.77
CA CYS A 201 -8.28 -20.81 15.41
C CYS A 201 -9.68 -20.28 15.66
N ASN A 202 -9.75 -19.07 16.18
CA ASN A 202 -11.00 -18.36 16.55
C ASN A 202 -11.09 -17.18 15.58
N VAL A 203 -12.02 -17.27 14.63
CA VAL A 203 -12.28 -16.26 13.58
C VAL A 203 -13.64 -15.60 13.86
N ALA A 204 -13.63 -14.29 14.11
CA ALA A 204 -14.84 -13.47 14.30
C ALA A 204 -14.93 -12.50 13.13
N HIS A 205 -16.14 -12.32 12.63
CA HIS A 205 -16.45 -11.38 11.53
C HIS A 205 -17.51 -10.43 12.07
N PRO A 206 -17.10 -9.35 12.77
CA PRO A 206 -18.05 -8.45 13.42
C PRO A 206 -19.18 -8.02 12.48
N ALA A 207 -18.90 -7.77 11.19
CA ALA A 207 -19.90 -7.29 10.20
C ALA A 207 -21.04 -8.29 10.11
N SER A 208 -20.78 -9.59 10.21
CA SER A 208 -21.83 -10.63 10.06
C SER A 208 -22.24 -11.19 11.43
N SER A 209 -21.76 -10.61 12.53
CA SER A 209 -22.00 -11.08 13.92
C SER A 209 -21.76 -12.59 14.01
N THR A 210 -20.78 -13.10 13.26
CA THR A 210 -20.41 -14.53 13.23
C THR A 210 -19.03 -14.75 13.87
N LYS A 211 -18.92 -15.88 14.54
CA LYS A 211 -17.64 -16.43 15.05
C LYS A 211 -17.60 -17.91 14.70
N VAL A 212 -16.44 -18.39 14.25
CA VAL A 212 -16.17 -19.83 13.99
C VAL A 212 -14.86 -20.20 14.67
N ASP A 213 -14.90 -21.26 15.47
CA ASP A 213 -13.70 -21.92 16.05
C ASP A 213 -13.44 -23.18 15.22
N LYS A 214 -12.26 -23.28 14.58
CA LYS A 214 -11.86 -24.48 13.82
C LYS A 214 -10.69 -25.18 14.52
N LYS A 215 -10.97 -26.38 15.01
CA LYS A 215 -9.98 -27.30 15.61
C LYS A 215 -9.07 -27.84 14.51
N ILE A 216 -7.75 -27.76 14.69
CA ILE A 216 -6.80 -28.32 13.69
C ILE A 216 -6.59 -29.80 14.01
N GLU A 217 -6.99 -30.67 13.09
CA GLU A 217 -6.84 -32.15 13.21
C GLU A 217 -5.79 -32.59 12.21
N PRO A 218 -4.98 -33.63 12.55
CA PRO A 218 -4.14 -34.31 11.57
C PRO A 218 -4.94 -34.70 10.32
N ARG A 219 -4.34 -34.54 9.14
CA ARG A 219 -4.94 -34.93 7.83
C ARG A 219 -4.45 -36.34 7.47
N GLN B 1 0.06 22.18 -21.22
CA GLN B 1 1.37 22.68 -21.68
C GLN B 1 2.35 22.62 -20.50
N LEU B 2 1.91 22.95 -19.29
CA LEU B 2 2.75 22.77 -18.05
C LEU B 2 2.93 21.28 -17.81
N VAL B 3 4.13 20.76 -18.05
CA VAL B 3 4.40 19.30 -18.08
C VAL B 3 5.71 19.06 -17.36
N LEU B 4 5.70 18.09 -16.43
CA LEU B 4 6.92 17.59 -15.75
C LEU B 4 7.21 16.19 -16.26
N THR B 5 8.39 15.98 -16.82
CA THR B 5 8.81 14.66 -17.34
C THR B 5 9.93 14.13 -16.45
N GLN B 6 9.69 12.99 -15.79
CA GLN B 6 10.65 12.34 -14.84
C GLN B 6 11.40 11.20 -15.54
N SER B 7 12.73 11.17 -15.37
CA SER B 7 13.63 10.06 -15.82
C SER B 7 13.17 8.70 -15.26
N SER B 8 13.71 7.61 -15.82
CA SER B 8 13.17 6.23 -15.66
C SER B 8 13.48 5.63 -14.28
N SER B 9 12.44 5.14 -13.61
CA SER B 9 12.49 4.47 -12.29
C SER B 9 13.73 3.57 -12.24
N ALA B 10 14.74 3.95 -11.44
CA ALA B 10 16.12 3.40 -11.47
C ALA B 10 16.61 2.95 -10.07
N SER B 11 17.74 2.25 -10.05
CA SER B 11 18.33 1.55 -8.88
C SER B 11 19.70 2.12 -8.55
N PHE B 12 20.09 2.16 -7.28
CA PHE B 12 21.42 2.63 -6.81
C PHE B 12 21.91 1.70 -5.69
N SER B 13 23.22 1.45 -5.63
CA SER B 13 23.82 0.73 -4.47
C SER B 13 23.61 1.55 -3.20
N LEU B 14 23.46 0.85 -2.08
CA LEU B 14 23.51 1.45 -0.73
C LEU B 14 24.78 2.30 -0.65
N GLY B 15 24.66 3.56 -0.23
CA GLY B 15 25.81 4.45 0.00
C GLY B 15 26.42 4.99 -1.27
N ALA B 16 25.83 4.74 -2.45
CA ALA B 16 26.23 5.36 -3.74
C ALA B 16 25.61 6.76 -3.84
N SER B 17 25.76 7.40 -5.00
CA SER B 17 25.22 8.75 -5.34
C SER B 17 24.16 8.62 -6.45
N ALA B 18 23.00 9.22 -6.25
CA ALA B 18 21.85 9.16 -7.17
C ALA B 18 21.57 10.57 -7.70
N LYS B 19 21.13 10.67 -8.95
CA LYS B 19 20.77 11.96 -9.61
C LYS B 19 19.49 11.71 -10.41
N LEU B 20 18.37 12.19 -9.89
CA LEU B 20 17.05 12.07 -10.56
C LEU B 20 16.83 13.35 -11.35
N THR B 21 16.13 13.26 -12.48
CA THR B 21 15.86 14.41 -13.37
C THR B 21 14.35 14.63 -13.46
N CYS B 22 13.96 15.87 -13.23
CA CYS B 22 12.61 16.39 -13.50
C CYS B 22 12.78 17.52 -14.51
N THR B 23 12.29 17.30 -15.74
CA THR B 23 12.43 18.25 -16.88
C THR B 23 11.11 19.00 -17.12
N LEU B 24 11.19 20.33 -17.13
CA LEU B 24 10.05 21.25 -17.35
C LEU B 24 9.74 21.33 -18.84
N SER B 25 8.49 21.65 -19.13
CA SER B 25 8.06 21.92 -20.51
C SER B 25 8.87 23.13 -21.01
N SER B 26 9.38 23.08 -22.24
CA SER B 26 10.23 24.13 -22.84
C SER B 26 9.92 25.55 -22.37
N GLN B 27 8.68 25.98 -22.52
CA GLN B 27 8.30 27.40 -22.21
C GLN B 27 8.36 27.72 -20.70
N HIS B 28 8.50 26.71 -19.82
CA HIS B 28 8.41 26.88 -18.34
C HIS B 28 9.78 26.60 -17.73
N SER B 29 10.81 26.87 -18.52
CA SER B 29 12.26 26.72 -18.28
C SER B 29 12.71 27.34 -16.95
N THR B 30 12.07 28.43 -16.55
CA THR B 30 12.55 29.30 -15.45
C THR B 30 11.89 28.88 -14.13
N TYR B 31 11.03 27.87 -14.16
CA TYR B 31 10.06 27.61 -13.07
C TYR B 31 10.72 26.95 -11.87
N THR B 32 10.25 27.35 -10.70
CA THR B 32 10.55 26.70 -9.40
C THR B 32 9.68 25.44 -9.32
N ILE B 33 10.27 24.31 -8.93
CA ILE B 33 9.57 23.00 -8.73
C ILE B 33 9.78 22.57 -7.28
N GLU B 34 8.96 21.63 -6.84
CA GLU B 34 9.08 20.96 -5.53
C GLU B 34 9.34 19.48 -5.79
N TRP B 35 10.22 18.87 -5.00
CA TRP B 35 10.42 17.40 -4.92
C TRP B 35 9.63 16.84 -3.73
N TYR B 36 9.07 15.64 -3.90
CA TYR B 36 8.29 14.93 -2.86
C TYR B 36 8.81 13.49 -2.81
N GLN B 37 8.88 12.90 -1.61
CA GLN B 37 9.25 11.48 -1.37
C GLN B 37 7.99 10.74 -0.88
N GLN B 38 7.63 9.64 -1.54
CA GLN B 38 6.55 8.74 -1.06
C GLN B 38 7.20 7.38 -0.82
N GLN B 39 7.24 6.99 0.45
CA GLN B 39 7.73 5.67 0.91
C GLN B 39 6.54 4.71 0.88
N PRO B 40 6.80 3.38 0.81
CA PRO B 40 5.73 2.39 0.86
C PRO B 40 4.60 2.73 1.84
N LEU B 41 3.40 2.98 1.31
CA LEU B 41 2.10 3.09 2.06
C LEU B 41 2.15 4.25 3.06
N LYS B 42 3.08 5.20 2.90
CA LYS B 42 3.15 6.48 3.66
C LYS B 42 2.50 7.60 2.84
N PRO B 43 1.97 8.68 3.45
CA PRO B 43 1.68 9.91 2.73
C PRO B 43 2.94 10.49 2.10
N PRO B 44 2.86 11.20 0.96
CA PRO B 44 4.03 11.88 0.43
C PRO B 44 4.63 12.85 1.45
N LYS B 45 5.94 13.00 1.43
CA LYS B 45 6.71 13.96 2.27
C LYS B 45 7.33 15.06 1.38
N TYR B 46 7.19 16.33 1.75
CA TYR B 46 7.89 17.46 1.09
C TYR B 46 9.40 17.35 1.32
N VAL B 47 10.17 17.20 0.24
CA VAL B 47 11.66 17.11 0.29
C VAL B 47 12.28 18.50 0.10
N MET B 48 11.91 19.21 -0.98
CA MET B 48 12.49 20.56 -1.21
C MET B 48 11.72 21.31 -2.29
N GLU B 49 11.91 22.63 -2.25
CA GLU B 49 11.69 23.64 -3.31
C GLU B 49 13.00 23.80 -4.09
N LEU B 50 12.96 23.91 -5.43
CA LEU B 50 14.20 24.05 -6.24
C LEU B 50 14.01 25.10 -7.35
N LYS B 51 14.89 26.09 -7.42
CA LYS B 51 14.72 27.25 -8.36
C LYS B 51 15.58 27.06 -9.61
N LYS B 52 15.36 27.94 -10.58
CA LYS B 52 16.07 27.91 -11.88
C LYS B 52 17.59 27.99 -11.63
N ASP B 53 18.05 28.76 -10.64
CA ASP B 53 19.50 28.95 -10.37
C ASP B 53 20.08 27.75 -9.61
N GLY B 54 19.27 26.77 -9.21
CA GLY B 54 19.73 25.58 -8.49
C GLY B 54 19.77 25.75 -6.96
N SER B 55 19.38 26.93 -6.47
CA SER B 55 19.17 27.21 -5.03
C SER B 55 17.95 26.41 -4.56
N HIS B 56 17.96 25.95 -3.31
CA HIS B 56 16.92 25.03 -2.77
C HIS B 56 16.80 25.20 -1.25
N SER B 57 15.63 24.87 -0.74
CA SER B 57 15.24 24.96 0.69
C SER B 57 14.50 23.67 1.05
N THR B 58 15.04 22.86 1.97
CA THR B 58 14.56 21.47 2.20
C THR B 58 13.52 21.45 3.32
N GLY B 59 12.62 20.46 3.27
CA GLY B 59 11.54 20.31 4.26
C GLY B 59 12.03 19.76 5.59
N ASP B 60 11.18 19.88 6.61
CA ASP B 60 11.32 19.31 7.96
C ASP B 60 11.85 17.87 7.84
N GLY B 61 12.93 17.58 8.57
CA GLY B 61 13.52 16.23 8.76
C GLY B 61 13.98 15.59 7.47
N ILE B 62 14.47 16.39 6.52
CA ILE B 62 15.17 15.91 5.30
C ILE B 62 16.67 16.02 5.59
N PRO B 63 17.41 14.90 5.68
CA PRO B 63 18.85 14.94 5.87
C PRO B 63 19.54 15.76 4.76
N ASP B 64 20.75 16.20 5.04
CA ASP B 64 21.56 17.05 4.13
C ASP B 64 22.25 16.19 3.08
N ARG B 65 22.00 14.87 3.05
CA ARG B 65 22.28 13.95 1.91
C ARG B 65 21.54 14.43 0.64
N PHE B 66 20.39 15.08 0.81
CA PHE B 66 19.53 15.56 -0.31
C PHE B 66 19.94 17.00 -0.69
N SER B 67 20.40 17.20 -1.92
CA SER B 67 20.62 18.54 -2.53
C SER B 67 19.89 18.63 -3.88
N GLY B 68 19.72 19.84 -4.37
CA GLY B 68 19.11 20.12 -5.68
C GLY B 68 20.04 20.92 -6.54
N SER B 69 19.82 20.89 -7.86
CA SER B 69 20.61 21.64 -8.87
C SER B 69 19.78 21.79 -10.14
N SER B 70 20.09 22.78 -11.00
CA SER B 70 19.30 23.01 -12.24
C SER B 70 20.22 23.22 -13.44
N SER B 71 19.75 22.86 -14.63
CA SER B 71 20.37 23.16 -15.95
C SER B 71 19.27 23.36 -16.98
N GLY B 72 19.10 24.58 -17.46
CA GLY B 72 17.95 24.96 -18.30
C GLY B 72 16.66 24.48 -17.69
N ALA B 73 15.86 23.71 -18.44
CA ALA B 73 14.53 23.18 -18.06
C ALA B 73 14.65 21.99 -17.11
N ASP B 74 15.86 21.48 -16.84
CA ASP B 74 16.14 20.28 -16.01
C ASP B 74 16.27 20.67 -14.53
N ARG B 75 15.58 19.92 -13.67
CA ARG B 75 15.59 20.07 -12.20
C ARG B 75 16.03 18.73 -11.59
N TYR B 76 17.17 18.72 -10.89
CA TYR B 76 17.84 17.48 -10.41
C TYR B 76 17.68 17.36 -8.89
N LEU B 77 17.34 16.15 -8.42
CA LEU B 77 17.45 15.75 -6.99
C LEU B 77 18.61 14.77 -6.87
N SER B 78 19.64 15.19 -6.14
CA SER B 78 20.87 14.41 -5.88
C SER B 78 20.80 13.86 -4.44
N ILE B 79 20.97 12.53 -4.31
CA ILE B 79 21.07 11.85 -2.99
C ILE B 79 22.49 11.30 -2.91
N SER B 80 23.29 11.82 -1.96
CA SER B 80 24.64 11.30 -1.63
C SER B 80 24.49 10.20 -0.56
N ASN B 81 25.36 9.19 -0.62
CA ASN B 81 25.42 8.07 0.36
C ASN B 81 24.03 7.46 0.58
N ILE B 82 23.37 6.98 -0.49
CA ILE B 82 21.90 6.70 -0.42
C ILE B 82 21.65 5.63 0.65
N GLN B 83 20.54 5.75 1.37
CA GLN B 83 20.23 4.85 2.52
C GLN B 83 18.98 4.04 2.17
N PRO B 84 18.71 2.94 2.91
CA PRO B 84 17.49 2.15 2.70
C PRO B 84 16.22 3.01 2.81
N GLU B 85 16.23 3.97 3.74
CA GLU B 85 15.07 4.85 4.04
C GLU B 85 14.80 5.77 2.85
N ASP B 86 15.78 5.89 1.94
CA ASP B 86 15.69 6.72 0.71
C ASP B 86 14.95 5.98 -0.40
N GLU B 87 14.67 4.67 -0.19
CA GLU B 87 13.88 3.85 -1.14
C GLU B 87 12.48 4.44 -1.18
N ALA B 88 12.02 4.82 -2.36
CA ALA B 88 10.78 5.62 -2.45
C ALA B 88 10.49 5.97 -3.90
N ILE B 89 9.29 6.48 -4.15
CA ILE B 89 8.96 7.15 -5.42
C ILE B 89 9.17 8.64 -5.18
N TYR B 90 10.03 9.26 -5.99
CA TYR B 90 10.30 10.71 -5.95
C TYR B 90 9.45 11.36 -7.03
N ILE B 91 8.61 12.29 -6.60
CA ILE B 91 7.62 12.99 -7.47
C ILE B 91 7.95 14.49 -7.44
N CYS B 92 7.97 15.13 -8.61
CA CYS B 92 8.10 16.59 -8.72
C CYS B 92 6.73 17.21 -9.03
N GLY B 93 6.58 18.44 -8.56
CA GLY B 93 5.35 19.26 -8.64
C GLY B 93 5.70 20.66 -9.09
N VAL B 94 4.77 21.34 -9.73
CA VAL B 94 5.01 22.74 -10.18
C VAL B 94 3.68 23.46 -10.22
N GLY B 95 3.68 24.70 -9.76
CA GLY B 95 2.48 25.55 -9.70
C GLY B 95 2.59 26.68 -10.70
N ASP B 96 1.45 27.19 -11.15
CA ASP B 96 1.36 28.41 -11.99
C ASP B 96 -0.09 28.92 -11.95
N THR B 97 -0.24 30.20 -12.27
CA THR B 97 -1.51 30.97 -12.15
C THR B 97 -1.74 31.60 -13.52
N ILE B 98 -2.68 31.04 -14.29
CA ILE B 98 -2.73 31.19 -15.77
C ILE B 98 -3.71 32.33 -16.12
N LYS B 99 -4.91 32.27 -15.55
CA LYS B 99 -6.04 33.18 -15.86
C LYS B 99 -6.61 33.72 -14.53
N GLU B 100 -5.73 33.91 -13.55
CA GLU B 100 -6.02 34.03 -12.10
C GLU B 100 -6.41 32.65 -11.54
N GLN B 101 -6.39 31.61 -12.38
CA GLN B 101 -6.63 30.19 -12.04
C GLN B 101 -5.30 29.49 -11.71
N PHE B 102 -5.14 29.14 -10.43
CA PHE B 102 -3.94 28.37 -10.00
C PHE B 102 -4.12 26.89 -10.31
N VAL B 103 -3.05 26.26 -10.77
CA VAL B 103 -3.01 24.80 -11.07
C VAL B 103 -1.70 24.27 -10.49
N TYR B 104 -1.77 23.11 -9.84
CA TYR B 104 -0.56 22.35 -9.46
C TYR B 104 -0.57 21.09 -10.32
N VAL B 105 0.61 20.70 -10.82
CA VAL B 105 0.78 19.45 -11.62
C VAL B 105 1.98 18.71 -11.06
N PHE B 106 1.84 17.40 -11.05
CA PHE B 106 2.86 16.43 -10.60
C PHE B 106 3.44 15.74 -11.82
N GLY B 107 4.71 15.37 -11.75
CA GLY B 107 5.31 14.37 -12.64
C GLY B 107 4.76 12.99 -12.35
N GLY B 108 5.16 12.00 -13.16
CA GLY B 108 4.59 10.64 -13.12
C GLY B 108 5.25 9.85 -12.00
N GLY B 109 6.40 10.33 -11.50
CA GLY B 109 7.19 9.72 -10.42
C GLY B 109 8.31 8.88 -10.97
N THR B 110 9.41 8.80 -10.22
CA THR B 110 10.57 7.91 -10.44
C THR B 110 10.66 6.98 -9.23
N LYS B 111 10.42 5.67 -9.41
CA LYS B 111 10.60 4.65 -8.34
C LYS B 111 12.10 4.42 -8.15
N VAL B 112 12.60 4.71 -6.95
CA VAL B 112 14.04 4.61 -6.57
C VAL B 112 14.20 3.34 -5.73
N THR B 113 15.08 2.44 -6.19
CA THR B 113 15.42 1.13 -5.55
C THR B 113 16.83 1.25 -4.96
N VAL B 114 17.00 0.88 -3.69
CA VAL B 114 18.36 0.81 -3.05
C VAL B 114 18.80 -0.65 -2.96
N LEU B 115 19.83 -0.99 -3.73
CA LEU B 115 20.42 -2.35 -3.84
C LEU B 115 21.42 -2.60 -2.70
N GLY B 116 21.74 -3.88 -2.47
CA GLY B 116 22.69 -4.34 -1.44
C GLY B 116 22.28 -3.96 -0.03
N GLN B 117 20.99 -3.83 0.23
CA GLN B 117 20.54 -3.57 1.60
C GLN B 117 20.73 -4.79 2.50
N PRO B 118 20.84 -4.65 3.84
CA PRO B 118 20.80 -5.80 4.75
C PRO B 118 19.67 -6.73 4.33
N LYS B 119 19.98 -8.03 4.21
CA LYS B 119 19.08 -9.03 3.60
C LYS B 119 18.66 -10.08 4.65
N SER B 120 17.36 -10.21 4.87
CA SER B 120 16.74 -11.34 5.62
C SER B 120 15.92 -12.19 4.63
N THR B 121 16.29 -13.46 4.44
CA THR B 121 15.75 -14.31 3.33
C THR B 121 14.36 -14.76 3.75
N PRO B 122 13.38 -14.90 2.83
CA PRO B 122 12.05 -15.34 3.25
C PRO B 122 12.00 -16.79 3.75
N THR B 123 11.21 -17.00 4.80
CA THR B 123 10.63 -18.29 5.25
C THR B 123 9.31 -18.54 4.51
N LEU B 124 9.15 -19.71 3.89
CA LEU B 124 7.89 -20.13 3.23
C LEU B 124 7.19 -21.13 4.15
N THR B 125 5.88 -20.99 4.28
CA THR B 125 5.00 -22.05 4.84
C THR B 125 3.93 -22.31 3.79
N VAL B 126 3.82 -23.54 3.32
CA VAL B 126 2.83 -23.89 2.26
C VAL B 126 1.86 -24.92 2.84
N PHE B 127 0.57 -24.68 2.67
CA PHE B 127 -0.49 -25.57 3.16
C PHE B 127 -1.22 -26.15 1.98
N PRO B 128 -1.54 -27.45 2.03
CA PRO B 128 -2.42 -28.06 1.04
C PRO B 128 -3.86 -27.68 1.30
N PRO B 129 -4.82 -28.04 0.41
CA PRO B 129 -6.25 -27.85 0.68
C PRO B 129 -6.70 -28.73 1.86
N SER B 130 -7.62 -28.22 2.69
CA SER B 130 -8.25 -28.96 3.80
C SER B 130 -9.13 -30.07 3.23
N SER B 131 -9.32 -31.19 3.95
CA SER B 131 -10.34 -32.24 3.64
C SER B 131 -11.68 -31.55 3.37
N GLU B 132 -12.11 -30.71 4.32
CA GLU B 132 -13.41 -29.96 4.26
C GLU B 132 -13.56 -29.27 2.90
N GLU B 133 -12.55 -28.50 2.49
CA GLU B 133 -12.62 -27.71 1.22
C GLU B 133 -12.64 -28.66 0.01
N LEU B 134 -11.87 -29.73 0.04
CA LEU B 134 -11.82 -30.73 -1.07
C LEU B 134 -13.22 -31.35 -1.27
N LYS B 135 -13.93 -31.62 -0.18
CA LYS B 135 -15.30 -32.19 -0.19
C LYS B 135 -16.27 -31.21 -0.86
N GLU B 136 -15.92 -29.91 -0.97
CA GLU B 136 -16.68 -28.86 -1.70
C GLU B 136 -16.18 -28.74 -3.15
N ASN B 137 -15.35 -29.69 -3.61
CA ASN B 137 -14.79 -29.76 -4.99
C ASN B 137 -13.88 -28.58 -5.29
N LYS B 138 -13.29 -27.96 -4.27
CA LYS B 138 -12.40 -26.77 -4.40
C LYS B 138 -11.09 -27.06 -3.66
N ALA B 139 -10.03 -26.33 -4.00
CA ALA B 139 -8.69 -26.52 -3.40
C ALA B 139 -7.90 -25.21 -3.49
N THR B 140 -7.71 -24.58 -2.34
CA THR B 140 -6.83 -23.40 -2.18
C THR B 140 -5.48 -23.88 -1.61
N LEU B 141 -4.41 -23.69 -2.38
CA LEU B 141 -3.01 -23.81 -1.89
C LEU B 141 -2.61 -22.44 -1.34
N VAL B 142 -1.98 -22.45 -0.17
CA VAL B 142 -1.64 -21.25 0.63
C VAL B 142 -0.11 -21.22 0.71
N CYS B 143 0.48 -20.10 0.34
CA CYS B 143 1.92 -19.84 0.53
C CYS B 143 2.05 -18.61 1.40
N LEU B 144 2.64 -18.80 2.58
CA LEU B 144 2.92 -17.73 3.57
C LEU B 144 4.41 -17.46 3.58
N ILE B 145 4.74 -16.20 3.37
CA ILE B 145 6.09 -15.64 3.12
C ILE B 145 6.40 -14.68 4.28
N SER B 146 7.38 -14.97 5.11
CA SER B 146 7.66 -14.13 6.30
C SER B 146 9.15 -13.92 6.49
N ASN B 147 9.48 -12.99 7.40
CA ASN B 147 10.81 -12.86 8.02
C ASN B 147 11.79 -12.40 6.95
N PHE B 148 11.31 -11.71 5.90
CA PHE B 148 12.15 -11.13 4.84
C PHE B 148 12.24 -9.61 4.94
N SER B 149 13.38 -9.10 4.47
CA SER B 149 13.74 -7.67 4.37
C SER B 149 14.89 -7.56 3.37
N PRO B 150 14.94 -6.57 2.46
CA PRO B 150 13.83 -5.62 2.24
C PRO B 150 12.56 -6.26 1.63
N SER B 151 11.55 -5.44 1.32
CA SER B 151 10.15 -5.87 1.06
C SER B 151 9.94 -6.51 -0.32
N GLY B 152 10.84 -6.30 -1.28
CA GLY B 152 10.66 -6.72 -2.69
C GLY B 152 10.72 -8.23 -2.83
N VAL B 153 9.58 -8.86 -3.17
CA VAL B 153 9.50 -10.30 -3.55
C VAL B 153 8.59 -10.41 -4.77
N THR B 154 8.79 -11.45 -5.57
CA THR B 154 7.82 -11.94 -6.57
C THR B 154 7.43 -13.35 -6.17
N VAL B 155 6.22 -13.77 -6.55
CA VAL B 155 5.73 -15.14 -6.26
C VAL B 155 5.29 -15.83 -7.55
N ALA B 156 5.71 -17.07 -7.73
CA ALA B 156 5.34 -17.92 -8.87
C ALA B 156 4.83 -19.23 -8.31
N TRP B 157 3.69 -19.71 -8.81
CA TRP B 157 3.29 -21.10 -8.56
C TRP B 157 3.66 -21.99 -9.74
N LYS B 158 4.06 -23.21 -9.43
CA LYS B 158 4.34 -24.28 -10.41
C LYS B 158 3.39 -25.45 -10.15
N ALA B 159 3.00 -26.11 -11.23
CA ALA B 159 2.26 -27.40 -11.27
C ALA B 159 3.14 -28.40 -12.02
N ASN B 160 3.56 -29.48 -11.36
CA ASN B 160 4.53 -30.44 -11.96
C ASN B 160 5.68 -29.64 -12.56
N GLY B 161 6.10 -28.54 -11.90
CA GLY B 161 7.29 -27.75 -12.26
C GLY B 161 7.05 -26.83 -13.45
N THR B 162 5.84 -26.77 -13.98
CA THR B 162 5.47 -25.83 -15.08
C THR B 162 4.64 -24.68 -14.50
N PRO B 163 4.73 -23.48 -15.09
CA PRO B 163 3.97 -22.32 -14.61
C PRO B 163 2.46 -22.55 -14.48
N ILE B 164 1.88 -22.07 -13.38
CA ILE B 164 0.39 -21.95 -13.24
C ILE B 164 0.10 -20.54 -12.72
N THR B 165 -0.64 -19.76 -13.53
CA THR B 165 -0.90 -18.31 -13.34
C THR B 165 -2.39 -18.01 -13.12
N GLN B 166 -3.30 -18.88 -13.57
CA GLN B 166 -4.76 -18.68 -13.36
C GLN B 166 -5.12 -18.99 -11.90
N GLY B 167 -6.01 -18.20 -11.31
CA GLY B 167 -6.53 -18.42 -9.94
C GLY B 167 -5.54 -18.10 -8.83
N VAL B 168 -4.52 -17.27 -9.10
CA VAL B 168 -3.52 -16.82 -8.10
C VAL B 168 -3.87 -15.40 -7.64
N ASP B 169 -3.91 -15.19 -6.33
CA ASP B 169 -4.02 -13.85 -5.69
C ASP B 169 -2.83 -13.71 -4.73
N THR B 170 -1.95 -12.74 -4.97
CA THR B 170 -0.70 -12.53 -4.21
C THR B 170 -0.82 -11.16 -3.55
N SER B 171 -0.65 -11.07 -2.24
CA SER B 171 -0.72 -9.79 -1.49
C SER B 171 0.51 -8.93 -1.83
N ASN B 172 0.44 -7.65 -1.51
CA ASN B 172 1.60 -6.75 -1.34
C ASN B 172 2.31 -7.17 -0.06
N PRO B 173 3.61 -6.87 0.06
CA PRO B 173 4.32 -7.10 1.31
C PRO B 173 3.88 -6.01 2.30
N THR B 174 3.73 -6.35 3.59
CA THR B 174 3.40 -5.38 4.67
C THR B 174 4.38 -5.61 5.84
N LYS B 175 4.52 -4.64 6.72
CA LYS B 175 5.44 -4.68 7.90
C LYS B 175 5.00 -5.78 8.84
N GLU B 176 5.99 -6.49 9.38
CA GLU B 176 5.78 -7.43 10.50
C GLU B 176 7.04 -7.34 11.36
N GLY B 177 6.96 -6.58 12.45
CA GLY B 177 8.14 -6.20 13.24
C GLY B 177 9.09 -5.35 12.41
N ASN B 178 10.36 -5.75 12.35
CA ASN B 178 11.39 -5.06 11.54
C ASN B 178 11.61 -5.82 10.22
N LYS B 179 10.65 -6.67 9.83
CA LYS B 179 10.68 -7.44 8.55
C LYS B 179 9.30 -7.33 7.86
N PHE B 180 9.12 -8.06 6.78
CA PHE B 180 7.90 -8.02 5.94
C PHE B 180 7.29 -9.40 5.88
N MET B 181 6.04 -9.43 5.49
CA MET B 181 5.24 -10.67 5.33
C MET B 181 4.37 -10.49 4.08
N ALA B 182 4.10 -11.59 3.39
CA ALA B 182 3.19 -11.59 2.21
C ALA B 182 2.52 -12.95 2.12
N SER B 183 1.41 -13.01 1.36
CA SER B 183 0.65 -14.27 1.21
C SER B 183 0.30 -14.45 -0.25
N SER B 184 0.16 -15.70 -0.66
CA SER B 184 -0.28 -16.05 -2.03
C SER B 184 -1.23 -17.24 -1.97
N PHE B 185 -2.28 -17.18 -2.79
CA PHE B 185 -3.39 -18.16 -2.83
C PHE B 185 -3.51 -18.70 -4.26
N LEU B 186 -3.47 -20.02 -4.42
CA LEU B 186 -3.69 -20.66 -5.75
C LEU B 186 -5.00 -21.47 -5.67
N HIS B 187 -6.05 -20.99 -6.33
CA HIS B 187 -7.40 -21.62 -6.35
C HIS B 187 -7.40 -22.67 -7.46
N LEU B 188 -7.63 -23.93 -7.09
CA LEU B 188 -7.77 -25.10 -8.00
C LEU B 188 -9.15 -25.75 -7.74
N THR B 189 -9.56 -26.66 -8.63
CA THR B 189 -10.61 -27.68 -8.35
C THR B 189 -9.96 -28.81 -7.55
N SER B 190 -10.77 -29.65 -6.91
CA SER B 190 -10.27 -30.82 -6.14
C SER B 190 -9.60 -31.79 -7.13
N ASP B 191 -10.08 -31.88 -8.38
CA ASP B 191 -9.50 -32.76 -9.42
C ASP B 191 -8.10 -32.27 -9.82
N GLN B 192 -7.93 -30.96 -9.99
CA GLN B 192 -6.60 -30.36 -10.33
C GLN B 192 -5.59 -30.70 -9.23
N TRP B 193 -5.97 -30.53 -7.96
CA TRP B 193 -5.09 -30.85 -6.81
C TRP B 193 -4.73 -32.34 -6.85
N ARG B 194 -5.70 -33.21 -7.09
CA ARG B 194 -5.50 -34.69 -7.03
C ARG B 194 -4.69 -35.17 -8.24
N SER B 195 -4.89 -34.58 -9.42
CA SER B 195 -4.34 -35.07 -10.71
C SER B 195 -2.85 -34.73 -10.91
N HIS B 196 -2.22 -33.89 -10.08
CA HIS B 196 -0.82 -33.42 -10.27
C HIS B 196 0.12 -34.11 -9.27
N ASN B 197 1.40 -34.25 -9.64
CA ASN B 197 2.44 -34.86 -8.76
C ASN B 197 2.83 -33.87 -7.65
N SER B 198 2.92 -32.59 -8.01
CA SER B 198 3.46 -31.55 -7.09
C SER B 198 3.05 -30.14 -7.53
N PHE B 199 2.95 -29.25 -6.55
CA PHE B 199 2.85 -27.79 -6.77
C PHE B 199 3.96 -27.11 -5.98
N THR B 200 4.44 -25.98 -6.50
CA THR B 200 5.59 -25.23 -5.95
C THR B 200 5.17 -23.78 -5.74
N CYS B 201 5.46 -23.27 -4.55
CA CYS B 201 5.52 -21.82 -4.26
C CYS B 201 6.99 -21.40 -4.35
N GLN B 202 7.27 -20.48 -5.26
CA GLN B 202 8.64 -20.06 -5.64
C GLN B 202 8.71 -18.56 -5.43
N VAL B 203 9.54 -18.13 -4.49
CA VAL B 203 9.67 -16.71 -4.10
C VAL B 203 11.07 -16.21 -4.46
N THR B 204 11.12 -15.09 -5.18
CA THR B 204 12.39 -14.38 -5.46
C THR B 204 12.51 -13.19 -4.51
N HIS B 205 13.72 -12.93 -4.06
CA HIS B 205 14.05 -11.82 -3.13
C HIS B 205 15.54 -11.55 -3.25
N GLU B 206 15.91 -10.34 -3.67
CA GLU B 206 17.30 -9.83 -3.73
C GLU B 206 18.20 -10.80 -4.50
N GLY B 207 17.78 -11.29 -5.68
CA GLY B 207 18.60 -12.21 -6.51
C GLY B 207 18.54 -13.64 -6.05
N ASP B 208 17.93 -13.92 -4.89
CA ASP B 208 17.75 -15.29 -4.34
C ASP B 208 16.40 -15.85 -4.76
N THR B 209 16.29 -17.17 -4.78
CA THR B 209 15.00 -17.88 -5.00
C THR B 209 14.85 -18.87 -3.87
N VAL B 210 13.70 -18.83 -3.17
CA VAL B 210 13.32 -19.90 -2.21
C VAL B 210 12.10 -20.61 -2.78
N GLU B 211 12.08 -21.93 -2.68
CA GLU B 211 10.84 -22.66 -3.07
C GLU B 211 10.55 -23.79 -2.10
N LYS B 212 9.26 -24.05 -1.99
CA LYS B 212 8.66 -25.08 -1.13
C LYS B 212 7.58 -25.73 -2.00
N SER B 213 7.69 -27.05 -2.16
CA SER B 213 6.74 -27.86 -2.93
C SER B 213 5.96 -28.72 -1.94
N LEU B 214 4.75 -29.10 -2.31
CA LEU B 214 4.01 -30.20 -1.63
C LEU B 214 3.34 -31.08 -2.69
N SER B 215 2.98 -32.28 -2.27
CA SER B 215 2.38 -33.34 -3.12
C SER B 215 1.08 -33.81 -2.48
N PRO B 216 0.07 -34.17 -3.30
CA PRO B 216 -1.09 -34.93 -2.82
C PRO B 216 -0.79 -36.38 -2.40
N ALA B 217 0.35 -36.94 -2.82
CA ALA B 217 0.73 -38.37 -2.68
C ALA B 217 0.88 -38.75 -1.19
N GLU B 218 0.82 -40.04 -0.88
CA GLU B 218 0.94 -40.59 0.50
C GLU B 218 2.42 -40.69 0.87
N CYS B 219 2.77 -40.50 2.15
CA CYS B 219 4.15 -40.63 2.70
C CYS B 219 4.46 -42.11 2.97
N VAL C 1 6.26 34.75 -16.68
CA VAL C 1 6.98 34.19 -15.54
C VAL C 1 5.96 33.40 -14.72
N GLN C 2 6.46 32.51 -13.87
CA GLN C 2 5.67 31.68 -12.93
C GLN C 2 5.00 32.59 -11.90
N ILE C 3 3.71 32.41 -11.68
CA ILE C 3 2.90 33.22 -10.74
C ILE C 3 2.12 32.25 -9.85
N VAL C 4 2.20 32.40 -8.55
CA VAL C 4 1.48 31.52 -7.57
C VAL C 4 0.65 32.43 -6.65
N TYR C 5 -0.67 32.39 -6.84
CA TYR C 5 -1.66 33.19 -6.07
C TYR C 5 -2.89 32.28 -5.83
N LYS C 6 -3.29 32.13 -4.55
CA LYS C 6 -4.33 31.17 -4.12
C LYS C 6 -5.31 31.82 -3.13
C1 GOL D . 7.17 -13.47 17.21
O1 GOL D . 7.35 -14.79 16.72
C2 GOL D . 5.88 -13.31 17.99
O2 GOL D . 5.67 -11.93 18.31
C3 GOL D . 4.67 -13.85 17.24
O3 GOL D . 4.99 -14.17 15.89
C1 GOL E . 14.38 10.62 6.34
O1 GOL E . 14.06 9.78 7.44
C2 GOL E . 13.57 10.28 5.11
O2 GOL E . 12.38 11.07 5.07
C3 GOL E . 14.35 10.45 3.85
O3 GOL E . 15.19 9.33 3.61
C1 GOL F . -1.24 14.06 -12.50
O1 GOL F . -0.30 13.39 -13.34
C2 GOL F . -0.76 15.44 -12.12
O2 GOL F . 0.43 15.73 -12.86
C3 GOL F . -1.71 16.52 -12.45
O3 GOL F . -2.67 16.65 -11.46
N NH4 G . 15.64 9.79 -12.88
#